data_6UPB
#
_entry.id   6UPB
#
_cell.length_a   45.988
_cell.length_b   52.447
_cell.length_c   105.555
_cell.angle_alpha   90.000
_cell.angle_beta   98.450
_cell.angle_gamma   90.000
#
_symmetry.space_group_name_H-M   'P 1 21 1'
#
loop_
_entity.id
_entity.type
_entity.pdbx_description
1 polymer 'Trehalose-phosphate phosphatase'
2 water water
#
_entity_poly.entity_id   1
_entity_poly.type   'polypeptide(L)'
_entity_poly.pdbx_seq_one_letter_code
;MAEPLTVSPELTANYAYFFDLDGTLAEIKPHPDQVVVPHKILQLLDRLAAHNAGALALISGRSMTELDALAKPFRFPLAG
VHGAERRDINGKTHIVRLPEAVVREVEALLRSTLVALPGTELESKGMAFALHYRQAPEHEAALLALAQHVTQHWPQLALQ
LGKCVVEIKPKGTNKGEAIAAFMQEAPFAGRIPVFVGDDLTDEAGFGVVNHAGGISVKVGVGATQAAWRLESVPDVWRWL
EQINYPQQEQQVMNNRRDGYESFSRSI
;
_entity_poly.pdbx_strand_id   A,B
#
# COMPACT_ATOMS: atom_id res chain seq x y z
N MET A 1 -15.47 -30.11 -23.28
CA MET A 1 -14.19 -30.21 -23.96
C MET A 1 -13.17 -29.30 -23.28
N ALA A 2 -13.62 -28.42 -22.41
CA ALA A 2 -12.69 -27.61 -21.62
C ALA A 2 -11.84 -28.52 -20.74
N GLU A 3 -10.60 -28.21 -20.66
CA GLU A 3 -9.74 -29.12 -19.90
C GLU A 3 -9.57 -28.62 -18.47
N PRO A 4 -9.49 -29.52 -17.50
CA PRO A 4 -9.29 -29.07 -16.11
C PRO A 4 -7.99 -28.29 -15.98
N LEU A 5 -8.11 -27.09 -15.42
CA LEU A 5 -6.95 -26.24 -15.18
C LEU A 5 -6.28 -26.69 -13.90
N THR A 6 -5.03 -27.10 -13.99
CA THR A 6 -4.28 -27.54 -12.83
C THR A 6 -2.96 -26.83 -12.64
N VAL A 7 -2.39 -26.21 -13.67
CA VAL A 7 -1.12 -25.50 -13.55
C VAL A 7 -1.37 -24.02 -13.29
N SER A 8 -0.56 -23.45 -12.41
CA SER A 8 -0.66 -22.02 -12.17
C SER A 8 0.46 -21.30 -12.90
N PRO A 9 0.14 -20.16 -13.51
CA PRO A 9 1.17 -19.35 -14.17
C PRO A 9 2.25 -18.90 -13.19
N GLU A 10 3.45 -18.67 -13.73
CA GLU A 10 4.51 -18.09 -12.92
C GLU A 10 4.14 -16.66 -12.53
N LEU A 11 4.53 -16.27 -11.32
CA LEU A 11 4.12 -14.98 -10.78
C LEU A 11 4.56 -13.84 -11.70
N THR A 12 5.76 -13.93 -12.26
CA THR A 12 6.29 -12.85 -13.08
C THR A 12 6.35 -13.25 -14.55
N ALA A 13 5.24 -13.77 -15.08
CA ALA A 13 5.15 -14.05 -16.50
C ALA A 13 4.55 -12.84 -17.21
N ASN A 14 4.35 -12.98 -18.51
CA ASN A 14 3.87 -11.88 -19.35
C ASN A 14 2.36 -11.96 -19.56
N TYR A 15 1.59 -12.13 -18.50
CA TYR A 15 0.15 -12.26 -18.61
C TYR A 15 -0.55 -10.96 -18.19
N ALA A 16 -1.71 -10.73 -18.80
CA ALA A 16 -2.65 -9.71 -18.35
C ALA A 16 -3.89 -10.42 -17.84
N TYR A 17 -4.30 -10.13 -16.61
CA TYR A 17 -5.32 -10.89 -15.92
C TYR A 17 -6.66 -10.15 -15.94
N PHE A 18 -7.71 -10.91 -16.20
CA PHE A 18 -9.08 -10.40 -16.15
C PHE A 18 -9.91 -11.38 -15.34
N PHE A 19 -10.55 -10.89 -14.28
CA PHE A 19 -11.33 -11.72 -13.38
C PHE A 19 -12.75 -11.19 -13.32
N ASP A 20 -13.70 -12.06 -13.58
CA ASP A 20 -15.08 -11.80 -13.19
C ASP A 20 -15.18 -11.77 -11.66
N LEU A 21 -16.26 -11.21 -11.14
CA LEU A 21 -16.37 -11.17 -9.68
C LEU A 21 -17.31 -12.24 -9.13
N ASP A 22 -18.62 -12.05 -9.27
CA ASP A 22 -19.59 -12.99 -8.74
C ASP A 22 -19.45 -14.36 -9.40
N GLY A 23 -19.30 -15.38 -8.57
CA GLY A 23 -19.14 -16.73 -9.06
C GLY A 23 -17.74 -17.07 -9.52
N THR A 24 -16.79 -16.15 -9.41
CA THR A 24 -15.42 -16.39 -9.85
C THR A 24 -14.47 -16.10 -8.69
N LEU A 25 -14.48 -14.86 -8.21
CA LEU A 25 -13.68 -14.46 -7.05
C LEU A 25 -14.46 -14.50 -5.74
N ALA A 26 -15.78 -14.53 -5.81
CA ALA A 26 -16.62 -14.56 -4.63
C ALA A 26 -17.66 -15.66 -4.78
N GLU A 27 -17.95 -16.33 -3.67
CA GLU A 27 -18.95 -17.38 -3.69
C GLU A 27 -20.33 -16.78 -3.94
N ILE A 28 -21.17 -17.55 -4.64
CA ILE A 28 -22.55 -17.15 -4.88
C ILE A 28 -23.31 -17.11 -3.56
N LYS A 29 -24.16 -16.12 -3.39
CA LYS A 29 -24.96 -15.93 -2.19
C LYS A 29 -26.43 -15.76 -2.57
N PRO A 30 -27.35 -15.97 -1.63
CA PRO A 30 -28.77 -15.76 -1.97
C PRO A 30 -29.08 -14.33 -2.37
N HIS A 31 -28.27 -13.35 -1.96
CA HIS A 31 -28.47 -11.93 -2.25
C HIS A 31 -27.14 -11.26 -2.60
N PRO A 32 -27.12 -10.35 -3.58
CA PRO A 32 -25.85 -9.72 -3.97
C PRO A 32 -25.14 -8.99 -2.84
N ASP A 33 -25.88 -8.42 -1.89
CA ASP A 33 -25.27 -7.66 -0.80
C ASP A 33 -24.57 -8.53 0.22
N GLN A 34 -24.80 -9.85 0.19
CA GLN A 34 -24.14 -10.80 1.07
C GLN A 34 -22.84 -11.32 0.49
N VAL A 35 -22.54 -10.92 -0.74
CA VAL A 35 -21.32 -11.38 -1.41
C VAL A 35 -20.12 -10.65 -0.83
N VAL A 36 -19.03 -11.39 -0.62
CA VAL A 36 -17.79 -10.85 -0.09
C VAL A 36 -16.63 -11.51 -0.82
N VAL A 37 -15.62 -10.71 -1.16
CA VAL A 37 -14.33 -11.25 -1.58
C VAL A 37 -13.44 -11.27 -0.33
N PRO A 38 -13.00 -12.44 0.13
CA PRO A 38 -12.20 -12.47 1.36
C PRO A 38 -10.97 -11.59 1.22
N HIS A 39 -10.61 -10.92 2.32
CA HIS A 39 -9.50 -9.96 2.28
C HIS A 39 -8.22 -10.63 1.80
N LYS A 40 -8.00 -11.89 2.17
CA LYS A 40 -6.80 -12.59 1.73
C LYS A 40 -6.76 -12.75 0.22
N ILE A 41 -7.92 -12.98 -0.39
CA ILE A 41 -7.99 -13.06 -1.85
C ILE A 41 -7.69 -11.71 -2.49
N LEU A 42 -8.22 -10.63 -1.91
CA LEU A 42 -7.93 -9.30 -2.43
C LEU A 42 -6.44 -8.99 -2.33
N GLN A 43 -5.80 -9.39 -1.25
CA GLN A 43 -4.35 -9.20 -1.16
C GLN A 43 -3.62 -9.98 -2.25
N LEU A 44 -4.07 -11.21 -2.53
CA LEU A 44 -3.44 -12.02 -3.58
C LEU A 44 -3.61 -11.37 -4.95
N LEU A 45 -4.78 -10.81 -5.22
CA LEU A 45 -5.00 -10.10 -6.48
C LEU A 45 -4.13 -8.86 -6.56
N ASP A 46 -4.01 -8.13 -5.46
CA ASP A 46 -3.17 -6.94 -5.47
C ASP A 46 -1.71 -7.29 -5.71
N ARG A 47 -1.24 -8.38 -5.10
CA ARG A 47 0.14 -8.80 -5.29
C ARG A 47 0.37 -9.31 -6.70
N LEU A 48 -0.59 -10.04 -7.25
CA LEU A 48 -0.47 -10.51 -8.63
C LEU A 48 -0.42 -9.35 -9.61
N ALA A 49 -1.26 -8.34 -9.40
CA ALA A 49 -1.23 -7.16 -10.26
C ALA A 49 0.13 -6.46 -10.16
N ALA A 50 0.65 -6.34 -8.94
CA ALA A 50 1.90 -5.63 -8.72
C ALA A 50 3.07 -6.31 -9.42
N HIS A 51 3.05 -7.64 -9.56
CA HIS A 51 4.12 -8.34 -10.23
C HIS A 51 3.93 -8.41 -11.73
N ASN A 52 2.85 -7.83 -12.25
CA ASN A 52 2.57 -7.85 -13.68
C ASN A 52 2.24 -6.45 -14.18
N ALA A 53 3.02 -5.47 -13.72
CA ALA A 53 2.93 -4.10 -14.19
C ALA A 53 1.54 -3.48 -14.00
N GLY A 54 0.75 -4.01 -13.07
CA GLY A 54 -0.60 -3.52 -12.85
C GLY A 54 -1.63 -4.05 -13.83
N ALA A 55 -1.28 -5.04 -14.65
CA ALA A 55 -2.18 -5.57 -15.69
C ALA A 55 -3.12 -6.61 -15.09
N LEU A 56 -4.06 -6.13 -14.28
CA LEU A 56 -5.12 -6.96 -13.73
C LEU A 56 -6.38 -6.11 -13.63
N ALA A 57 -7.47 -6.61 -14.17
CA ALA A 57 -8.73 -5.88 -14.16
C ALA A 57 -9.85 -6.79 -13.70
N LEU A 58 -10.84 -6.19 -13.05
CA LEU A 58 -12.09 -6.88 -12.71
C LEU A 58 -13.09 -6.57 -13.81
N ILE A 59 -13.71 -7.62 -14.37
CA ILE A 59 -14.63 -7.51 -15.50
C ILE A 59 -15.95 -8.17 -15.08
N SER A 60 -16.97 -7.36 -14.78
CA SER A 60 -18.16 -7.83 -14.09
C SER A 60 -19.42 -7.18 -14.63
N GLY A 61 -20.56 -7.81 -14.35
CA GLY A 61 -21.85 -7.19 -14.59
C GLY A 61 -22.25 -6.16 -13.54
N ARG A 62 -21.57 -6.14 -12.41
CA ARG A 62 -21.85 -5.17 -11.36
C ARG A 62 -21.46 -3.77 -11.80
N SER A 63 -22.03 -2.77 -11.12
CA SER A 63 -21.59 -1.40 -11.32
C SER A 63 -20.20 -1.21 -10.74
N MET A 64 -19.48 -0.20 -11.23
CA MET A 64 -18.13 0.05 -10.74
C MET A 64 -18.13 0.48 -9.28
N THR A 65 -19.15 1.21 -8.85
CA THR A 65 -19.24 1.55 -7.43
C THR A 65 -19.35 0.29 -6.57
N GLU A 66 -20.10 -0.71 -7.04
CA GLU A 66 -20.19 -1.95 -6.27
C GLU A 66 -18.89 -2.73 -6.29
N LEU A 67 -18.16 -2.71 -7.42
CA LEU A 67 -16.87 -3.38 -7.48
C LEU A 67 -15.87 -2.74 -6.52
N ASP A 68 -15.85 -1.41 -6.44
CA ASP A 68 -14.92 -0.74 -5.54
C ASP A 68 -15.22 -1.08 -4.08
N ALA A 69 -16.50 -1.23 -3.74
CA ALA A 69 -16.85 -1.65 -2.39
C ALA A 69 -16.46 -3.10 -2.13
N LEU A 70 -16.60 -3.96 -3.13
CA LEU A 70 -16.21 -5.36 -2.98
C LEU A 70 -14.70 -5.50 -2.90
N ALA A 71 -13.96 -4.63 -3.57
CA ALA A 71 -12.51 -4.73 -3.62
C ALA A 71 -11.81 -3.91 -2.55
N LYS A 72 -12.55 -3.12 -1.77
CA LYS A 72 -11.96 -2.22 -0.79
C LYS A 72 -11.01 -3.01 0.12
N PRO A 73 -9.83 -2.47 0.44
CA PRO A 73 -9.31 -1.13 0.12
C PRO A 73 -8.55 -1.03 -1.19
N PHE A 74 -8.65 -2.03 -2.07
CA PHE A 74 -7.86 -2.00 -3.28
C PHE A 74 -8.63 -1.38 -4.44
N ARG A 75 -7.90 -0.71 -5.33
CA ARG A 75 -8.46 -0.03 -6.48
C ARG A 75 -7.84 -0.63 -7.72
N PHE A 76 -8.63 -1.37 -8.48
CA PHE A 76 -8.20 -2.04 -9.68
C PHE A 76 -8.81 -1.36 -10.89
N PRO A 77 -8.20 -1.54 -12.07
CA PRO A 77 -8.93 -1.28 -13.31
C PRO A 77 -10.16 -2.16 -13.36
N LEU A 78 -11.24 -1.61 -13.93
CA LEU A 78 -12.55 -2.22 -13.82
C LEU A 78 -13.28 -2.15 -15.14
N ALA A 79 -14.14 -3.14 -15.36
CA ALA A 79 -15.22 -3.03 -16.34
C ALA A 79 -16.49 -3.40 -15.58
N GLY A 80 -17.39 -2.44 -15.44
CA GLY A 80 -18.65 -2.67 -14.80
C GLY A 80 -19.77 -2.75 -15.83
N VAL A 81 -20.88 -3.35 -15.43
CA VAL A 81 -22.05 -3.49 -16.31
C VAL A 81 -21.62 -4.10 -17.64
N HIS A 82 -20.86 -5.19 -17.59
CA HIS A 82 -20.44 -5.93 -18.78
C HIS A 82 -19.61 -5.07 -19.74
N GLY A 83 -19.06 -3.95 -19.28
CA GLY A 83 -18.24 -3.11 -20.13
C GLY A 83 -18.84 -1.75 -20.46
N ALA A 84 -20.12 -1.52 -20.12
CA ALA A 84 -20.73 -0.21 -20.32
C ALA A 84 -20.15 0.84 -19.38
N GLU A 85 -19.50 0.41 -18.30
CA GLU A 85 -18.67 1.26 -17.45
C GLU A 85 -17.27 0.68 -17.51
N ARG A 86 -16.25 1.53 -17.57
CA ARG A 86 -14.90 1.02 -17.57
C ARG A 86 -13.98 2.06 -16.94
N ARG A 87 -12.93 1.59 -16.26
CA ARG A 87 -11.96 2.48 -15.66
C ARG A 87 -10.56 1.95 -15.98
N ASP A 88 -9.74 2.77 -16.62
CA ASP A 88 -8.45 2.28 -17.08
C ASP A 88 -7.41 2.42 -15.97
N ILE A 89 -6.15 2.14 -16.30
CA ILE A 89 -5.09 2.12 -15.31
C ILE A 89 -4.86 3.52 -14.73
N ASN A 90 -5.15 4.56 -15.50
CA ASN A 90 -4.98 5.93 -15.07
C ASN A 90 -6.20 6.45 -14.33
N GLY A 91 -7.17 5.59 -14.05
CA GLY A 91 -8.38 6.01 -13.36
C GLY A 91 -9.41 6.68 -14.22
N LYS A 92 -9.14 6.88 -15.51
CA LYS A 92 -10.11 7.48 -16.41
C LYS A 92 -11.30 6.54 -16.58
N THR A 93 -12.51 7.07 -16.41
CA THR A 93 -13.71 6.23 -16.53
C THR A 93 -14.42 6.52 -17.85
N HIS A 94 -14.98 5.47 -18.43
CA HIS A 94 -15.68 5.54 -19.71
C HIS A 94 -17.08 4.98 -19.51
N ILE A 95 -18.10 5.79 -19.76
CA ILE A 95 -19.48 5.43 -19.48
C ILE A 95 -20.28 5.46 -20.77
N VAL A 96 -20.94 4.35 -21.09
CA VAL A 96 -21.91 4.32 -22.18
C VAL A 96 -23.17 5.06 -21.74
N ARG A 97 -23.67 5.94 -22.59
CA ARG A 97 -24.81 6.77 -22.26
C ARG A 97 -25.99 6.38 -23.13
N LEU A 98 -27.15 6.16 -22.48
CA LEU A 98 -28.41 5.98 -23.18
C LEU A 98 -29.19 7.28 -23.19
N PRO A 99 -30.03 7.51 -24.20
CA PRO A 99 -30.90 8.69 -24.18
C PRO A 99 -31.77 8.68 -22.94
N GLU A 100 -32.00 9.86 -22.36
CA GLU A 100 -32.75 9.91 -21.11
C GLU A 100 -34.17 9.41 -21.29
N ALA A 101 -34.79 9.70 -22.44
CA ALA A 101 -36.15 9.23 -22.69
C ALA A 101 -36.21 7.71 -22.75
N VAL A 102 -35.15 7.05 -23.24
CA VAL A 102 -35.14 5.59 -23.26
C VAL A 102 -35.05 5.05 -21.85
N VAL A 103 -34.14 5.60 -21.04
CA VAL A 103 -34.00 5.13 -19.66
C VAL A 103 -35.30 5.33 -18.91
N ARG A 104 -35.91 6.50 -19.04
CA ARG A 104 -37.15 6.81 -18.35
C ARG A 104 -38.28 5.88 -18.79
N GLU A 105 -38.46 5.69 -20.10
CA GLU A 105 -39.56 4.87 -20.58
C GLU A 105 -39.39 3.41 -20.19
N VAL A 106 -38.20 2.86 -20.41
CA VAL A 106 -37.99 1.44 -20.14
C VAL A 106 -38.17 1.14 -18.66
N GLU A 107 -37.65 2.02 -17.79
CA GLU A 107 -37.78 1.78 -16.35
C GLU A 107 -39.23 1.77 -15.92
N ALA A 108 -40.02 2.73 -16.38
CA ALA A 108 -41.44 2.76 -16.05
C ALA A 108 -42.16 1.55 -16.62
N LEU A 109 -41.75 1.10 -17.80
CA LEU A 109 -42.37 -0.08 -18.42
C LEU A 109 -42.08 -1.33 -17.59
N LEU A 110 -40.81 -1.53 -17.22
CA LEU A 110 -40.44 -2.72 -16.46
C LEU A 110 -41.07 -2.73 -15.07
N ARG A 111 -41.22 -1.55 -14.47
CA ARG A 111 -41.72 -1.47 -13.09
C ARG A 111 -43.11 -2.09 -12.97
N SER A 112 -43.97 -1.87 -13.96
CA SER A 112 -45.34 -2.38 -13.88
C SER A 112 -45.37 -3.89 -13.75
N THR A 113 -44.50 -4.59 -14.48
CA THR A 113 -44.49 -6.05 -14.36
C THR A 113 -43.90 -6.49 -13.02
N LEU A 114 -42.78 -5.90 -12.62
CA LEU A 114 -42.07 -6.43 -11.47
C LEU A 114 -42.66 -6.04 -10.12
N VAL A 115 -43.51 -5.01 -10.06
CA VAL A 115 -44.20 -4.73 -8.81
C VAL A 115 -45.21 -5.82 -8.47
N ALA A 116 -45.82 -6.43 -9.48
CA ALA A 116 -46.85 -7.45 -9.30
C ALA A 116 -46.32 -8.87 -9.12
N LEU A 117 -45.01 -9.08 -9.22
CA LEU A 117 -44.42 -10.42 -9.14
C LEU A 117 -43.51 -10.53 -7.92
N PRO A 118 -43.99 -11.08 -6.80
CA PRO A 118 -43.13 -11.19 -5.62
C PRO A 118 -41.91 -12.05 -5.92
N GLY A 119 -40.79 -11.70 -5.28
CA GLY A 119 -39.57 -12.40 -5.49
C GLY A 119 -38.71 -11.90 -6.62
N THR A 120 -39.27 -11.08 -7.52
CA THR A 120 -38.48 -10.50 -8.59
C THR A 120 -38.01 -9.10 -8.21
N GLU A 121 -36.89 -8.69 -8.77
CA GLU A 121 -36.32 -7.39 -8.43
C GLU A 121 -35.85 -6.69 -9.69
N LEU A 122 -36.22 -5.43 -9.85
CA LEU A 122 -35.73 -4.60 -10.94
C LEU A 122 -34.59 -3.77 -10.41
N GLU A 123 -33.41 -3.92 -11.01
CA GLU A 123 -32.22 -3.16 -10.64
C GLU A 123 -31.87 -2.25 -11.80
N SER A 124 -31.83 -0.94 -11.55
CA SER A 124 -31.48 0.05 -12.56
C SER A 124 -30.02 0.44 -12.37
N LYS A 125 -29.23 0.35 -13.44
CA LYS A 125 -27.80 0.61 -13.36
C LYS A 125 -27.39 1.86 -14.14
N GLY A 126 -28.33 2.72 -14.48
CA GLY A 126 -27.99 3.92 -15.22
C GLY A 126 -28.04 3.79 -16.72
N MET A 127 -27.34 2.79 -17.27
CA MET A 127 -27.41 2.48 -18.70
C MET A 127 -27.85 1.04 -18.92
N ALA A 128 -28.32 0.35 -17.88
CA ALA A 128 -28.77 -1.02 -17.99
C ALA A 128 -29.82 -1.28 -16.91
N PHE A 129 -30.54 -2.39 -17.10
CA PHE A 129 -31.58 -2.84 -16.18
C PHE A 129 -31.41 -4.33 -15.99
N ALA A 130 -31.40 -4.78 -14.74
CA ALA A 130 -31.28 -6.18 -14.41
C ALA A 130 -32.56 -6.67 -13.74
N LEU A 131 -33.12 -7.78 -14.26
CA LEU A 131 -34.34 -8.39 -13.74
C LEU A 131 -33.95 -9.65 -12.99
N HIS A 132 -33.93 -9.56 -11.65
CA HIS A 132 -33.51 -10.65 -10.78
C HIS A 132 -34.68 -11.55 -10.41
N TYR A 133 -34.42 -12.85 -10.33
CA TYR A 133 -35.47 -13.78 -9.96
C TYR A 133 -34.94 -14.96 -9.17
N ARG A 134 -33.82 -14.78 -8.47
CA ARG A 134 -33.26 -15.90 -7.70
C ARG A 134 -34.25 -16.42 -6.68
N GLN A 135 -35.08 -15.56 -6.12
CA GLN A 135 -36.07 -15.96 -5.13
C GLN A 135 -37.37 -16.46 -5.74
N ALA A 136 -37.53 -16.37 -7.06
CA ALA A 136 -38.76 -16.81 -7.73
C ALA A 136 -38.41 -17.30 -9.12
N PRO A 137 -37.75 -18.46 -9.24
CA PRO A 137 -37.37 -18.95 -10.56
C PRO A 137 -38.57 -19.21 -11.47
N GLU A 138 -39.77 -19.34 -10.91
CA GLU A 138 -40.94 -19.55 -11.76
C GLU A 138 -41.25 -18.35 -12.64
N HIS A 139 -40.75 -17.15 -12.31
CA HIS A 139 -41.01 -15.98 -13.14
C HIS A 139 -39.94 -15.74 -14.19
N GLU A 140 -39.05 -16.71 -14.43
CA GLU A 140 -37.97 -16.52 -15.39
C GLU A 140 -38.53 -16.31 -16.81
N ALA A 141 -39.46 -17.16 -17.23
CA ALA A 141 -39.98 -17.06 -18.58
C ALA A 141 -40.69 -15.73 -18.82
N ALA A 142 -41.40 -15.22 -17.81
CA ALA A 142 -42.09 -13.95 -17.96
C ALA A 142 -41.10 -12.79 -18.04
N LEU A 143 -40.02 -12.83 -17.23
CA LEU A 143 -39.03 -11.76 -17.27
C LEU A 143 -38.22 -11.79 -18.56
N LEU A 144 -37.88 -12.99 -19.01
CA LEU A 144 -37.17 -13.13 -20.28
C LEU A 144 -38.00 -12.59 -21.44
N ALA A 145 -39.29 -12.93 -21.47
CA ALA A 145 -40.16 -12.45 -22.54
C ALA A 145 -40.28 -10.93 -22.49
N LEU A 146 -40.41 -10.36 -21.30
CA LEU A 146 -40.48 -8.91 -21.17
C LEU A 146 -39.21 -8.26 -21.68
N ALA A 147 -38.05 -8.78 -21.27
CA ALA A 147 -36.78 -8.22 -21.71
C ALA A 147 -36.60 -8.39 -23.22
N GLN A 148 -37.06 -9.51 -23.77
CA GLN A 148 -37.01 -9.70 -25.22
C GLN A 148 -37.88 -8.68 -25.93
N HIS A 149 -39.08 -8.42 -25.43
CA HIS A 149 -39.93 -7.41 -26.05
C HIS A 149 -39.28 -6.03 -25.99
N VAL A 150 -38.67 -5.70 -24.85
CA VAL A 150 -38.04 -4.40 -24.70
C VAL A 150 -36.86 -4.25 -25.65
N THR A 151 -36.01 -5.28 -25.72
CA THR A 151 -34.83 -5.18 -26.57
C THR A 151 -35.16 -5.24 -28.05
N GLN A 152 -36.33 -5.77 -28.42
CA GLN A 152 -36.80 -5.72 -29.80
C GLN A 152 -37.40 -4.37 -30.14
N HIS A 153 -38.01 -3.69 -29.17
CA HIS A 153 -38.66 -2.41 -29.43
C HIS A 153 -37.66 -1.26 -29.44
N TRP A 154 -36.65 -1.33 -28.56
CA TRP A 154 -35.60 -0.30 -28.51
C TRP A 154 -34.33 -0.84 -29.14
N PRO A 155 -33.96 -0.39 -30.35
CA PRO A 155 -32.74 -0.91 -30.99
C PRO A 155 -31.47 -0.55 -30.24
N GLN A 156 -31.51 0.39 -29.30
CA GLN A 156 -30.32 0.71 -28.53
C GLN A 156 -30.03 -0.31 -27.45
N LEU A 157 -30.95 -1.24 -27.21
CA LEU A 157 -30.85 -2.18 -26.09
C LEU A 157 -30.68 -3.61 -26.57
N ALA A 158 -29.92 -4.39 -25.79
CA ALA A 158 -29.62 -5.78 -26.11
C ALA A 158 -29.87 -6.65 -24.88
N LEU A 159 -30.11 -7.93 -25.13
CA LEU A 159 -30.42 -8.90 -24.09
C LEU A 159 -29.15 -9.54 -23.54
N GLN A 160 -29.13 -9.77 -22.23
CA GLN A 160 -28.01 -10.49 -21.59
C GLN A 160 -28.58 -11.42 -20.51
N LEU A 161 -28.85 -12.66 -20.89
CA LEU A 161 -29.27 -13.64 -19.91
C LEU A 161 -28.09 -13.98 -18.99
N GLY A 162 -28.41 -14.35 -17.76
CA GLY A 162 -27.41 -14.75 -16.79
C GLY A 162 -27.98 -15.66 -15.72
N LYS A 163 -27.19 -15.99 -14.71
CA LYS A 163 -27.66 -16.84 -13.60
C LYS A 163 -28.66 -16.08 -12.76
N CYS A 164 -29.92 -16.53 -12.75
CA CYS A 164 -31.01 -15.95 -11.96
C CYS A 164 -31.27 -14.50 -12.31
N VAL A 165 -30.90 -14.07 -13.51
CA VAL A 165 -31.07 -12.68 -13.88
C VAL A 165 -31.22 -12.61 -15.39
N VAL A 166 -32.04 -11.67 -15.84
CA VAL A 166 -32.15 -11.29 -17.24
C VAL A 166 -31.85 -9.79 -17.31
N GLU A 167 -30.84 -9.43 -18.07
CA GLU A 167 -30.35 -8.06 -18.09
C GLU A 167 -30.59 -7.43 -19.45
N ILE A 168 -30.92 -6.14 -19.43
CA ILE A 168 -31.11 -5.30 -20.61
C ILE A 168 -29.97 -4.30 -20.60
N LYS A 169 -29.14 -4.33 -21.63
CA LYS A 169 -27.88 -3.60 -21.69
C LYS A 169 -27.80 -2.82 -23.00
N PRO A 170 -26.90 -1.84 -23.09
CA PRO A 170 -26.72 -1.15 -24.37
C PRO A 170 -26.24 -2.13 -25.44
N LYS A 171 -26.77 -1.98 -26.64
CA LYS A 171 -26.32 -2.81 -27.74
C LYS A 171 -24.85 -2.51 -28.04
N GLY A 172 -24.08 -3.57 -28.26
CA GLY A 172 -22.66 -3.45 -28.47
C GLY A 172 -21.82 -3.56 -27.22
N THR A 173 -22.46 -3.60 -26.04
CA THR A 173 -21.76 -3.77 -24.77
C THR A 173 -21.64 -5.25 -24.48
N ASN A 174 -20.41 -5.72 -24.25
CA ASN A 174 -20.22 -7.11 -23.85
C ASN A 174 -18.80 -7.22 -23.32
N LYS A 175 -18.56 -8.28 -22.55
CA LYS A 175 -17.27 -8.44 -21.89
C LYS A 175 -16.11 -8.69 -22.85
N GLY A 176 -16.38 -9.16 -24.07
CA GLY A 176 -15.31 -9.25 -25.05
C GLY A 176 -14.84 -7.88 -25.48
N GLU A 177 -15.78 -6.95 -25.65
CA GLU A 177 -15.44 -5.57 -25.99
C GLU A 177 -14.71 -4.88 -24.84
N ALA A 178 -15.06 -5.19 -23.59
CA ALA A 178 -14.36 -4.60 -22.45
C ALA A 178 -12.91 -5.06 -22.42
N ILE A 179 -12.68 -6.36 -22.54
CA ILE A 179 -11.32 -6.88 -22.57
C ILE A 179 -10.56 -6.31 -23.76
N ALA A 180 -11.23 -6.18 -24.91
CA ALA A 180 -10.57 -5.57 -26.06
C ALA A 180 -10.10 -4.15 -25.75
N ALA A 181 -10.93 -3.37 -25.05
CA ALA A 181 -10.53 -1.99 -24.75
C ALA A 181 -9.28 -1.96 -23.88
N PHE A 182 -9.19 -2.87 -22.91
CA PHE A 182 -7.99 -2.92 -22.07
C PHE A 182 -6.77 -3.39 -22.85
N MET A 183 -6.94 -4.40 -23.70
CA MET A 183 -5.79 -5.04 -24.34
C MET A 183 -5.09 -4.14 -25.35
N GLN A 184 -5.65 -2.99 -25.72
CA GLN A 184 -4.92 -2.03 -26.53
C GLN A 184 -4.30 -0.91 -25.71
N GLU A 185 -4.44 -0.93 -24.39
CA GLU A 185 -3.90 0.07 -23.49
C GLU A 185 -2.81 -0.50 -22.61
N ALA A 186 -1.85 0.34 -22.23
CA ALA A 186 -0.93 -0.04 -21.18
C ALA A 186 -1.69 -0.15 -19.86
N PRO A 187 -1.29 -1.08 -18.98
CA PRO A 187 -0.17 -2.02 -19.12
C PRO A 187 -0.56 -3.37 -19.72
N PHE A 188 -1.81 -3.50 -20.15
CA PHE A 188 -2.29 -4.78 -20.67
C PHE A 188 -1.71 -5.08 -22.05
N ALA A 189 -1.51 -4.06 -22.88
CA ALA A 189 -1.01 -4.28 -24.23
C ALA A 189 0.37 -4.95 -24.20
N GLY A 190 0.57 -5.91 -25.10
CA GLY A 190 1.81 -6.64 -25.16
C GLY A 190 1.87 -7.85 -24.27
N ARG A 191 0.87 -8.07 -23.43
CA ARG A 191 0.81 -9.22 -22.56
C ARG A 191 -0.22 -10.22 -23.09
N ILE A 192 -0.16 -11.44 -22.56
CA ILE A 192 -1.05 -12.52 -22.97
C ILE A 192 -2.30 -12.47 -22.08
N PRO A 193 -3.50 -12.34 -22.65
CA PRO A 193 -4.68 -12.20 -21.79
C PRO A 193 -5.10 -13.52 -21.15
N VAL A 194 -5.48 -13.42 -19.87
CA VAL A 194 -6.05 -14.52 -19.11
C VAL A 194 -7.38 -14.03 -18.55
N PHE A 195 -8.45 -14.79 -18.81
CA PHE A 195 -9.76 -14.37 -18.34
C PHE A 195 -10.49 -15.54 -17.68
N VAL A 196 -10.94 -15.31 -16.43
CA VAL A 196 -11.63 -16.30 -15.61
C VAL A 196 -13.03 -15.80 -15.35
N GLY A 197 -14.03 -16.63 -15.67
CA GLY A 197 -15.41 -16.22 -15.48
C GLY A 197 -16.31 -17.42 -15.34
N ASP A 198 -17.61 -17.17 -15.10
CA ASP A 198 -18.51 -18.26 -14.81
C ASP A 198 -19.87 -18.22 -15.50
N ASP A 199 -20.23 -17.16 -16.23
CA ASP A 199 -21.61 -17.02 -16.67
C ASP A 199 -21.65 -16.77 -18.18
N LEU A 200 -22.87 -16.63 -18.70
CA LEU A 200 -23.05 -16.46 -20.14
C LEU A 200 -22.40 -15.18 -20.64
N THR A 201 -22.41 -14.11 -19.81
CA THR A 201 -21.76 -12.88 -20.24
C THR A 201 -20.26 -13.09 -20.41
N ASP A 202 -19.68 -14.03 -19.68
CA ASP A 202 -18.25 -14.27 -19.79
C ASP A 202 -17.86 -15.03 -21.05
N GLU A 203 -18.81 -15.72 -21.69
CA GLU A 203 -18.48 -16.41 -22.94
C GLU A 203 -18.01 -15.43 -24.01
N ALA A 204 -18.53 -14.20 -24.02
CA ALA A 204 -18.02 -13.21 -24.97
C ALA A 204 -16.55 -12.92 -24.72
N GLY A 205 -16.15 -12.86 -23.45
CA GLY A 205 -14.75 -12.66 -23.14
C GLY A 205 -13.91 -13.87 -23.49
N PHE A 206 -14.42 -15.07 -23.23
CA PHE A 206 -13.69 -16.28 -23.59
C PHE A 206 -13.38 -16.31 -25.08
N GLY A 207 -14.33 -15.87 -25.90
CA GLY A 207 -14.13 -15.94 -27.34
C GLY A 207 -13.00 -15.05 -27.84
N VAL A 208 -12.95 -13.79 -27.36
CA VAL A 208 -11.89 -12.89 -27.80
C VAL A 208 -10.54 -13.32 -27.23
N VAL A 209 -10.54 -13.83 -26.00
CA VAL A 209 -9.29 -14.30 -25.37
C VAL A 209 -8.76 -15.55 -26.10
N ASN A 210 -9.64 -16.47 -26.47
CA ASN A 210 -9.22 -17.63 -27.28
C ASN A 210 -8.64 -17.17 -28.60
N HIS A 211 -9.31 -16.21 -29.25
CA HIS A 211 -8.82 -15.72 -30.53
C HIS A 211 -7.48 -15.02 -30.37
N ALA A 212 -7.26 -14.41 -29.21
CA ALA A 212 -6.03 -13.68 -28.90
C ALA A 212 -4.87 -14.60 -28.56
N GLY A 213 -5.09 -15.90 -28.49
CA GLY A 213 -4.04 -16.79 -28.05
C GLY A 213 -3.82 -16.76 -26.57
N GLY A 214 -4.83 -16.33 -25.82
CA GLY A 214 -4.75 -16.23 -24.38
C GLY A 214 -5.33 -17.46 -23.71
N ILE A 215 -5.60 -17.32 -22.42
CA ILE A 215 -6.05 -18.42 -21.55
C ILE A 215 -7.44 -18.08 -21.05
N SER A 216 -8.43 -18.88 -21.44
CA SER A 216 -9.81 -18.70 -20.99
C SER A 216 -10.18 -19.79 -19.99
N VAL A 217 -10.78 -19.39 -18.86
CA VAL A 217 -11.06 -20.29 -17.77
C VAL A 217 -12.51 -20.15 -17.35
N LYS A 218 -13.26 -21.24 -17.46
CA LYS A 218 -14.63 -21.34 -16.98
C LYS A 218 -14.64 -21.86 -15.54
N VAL A 219 -15.44 -21.22 -14.70
CA VAL A 219 -15.62 -21.67 -13.31
C VAL A 219 -16.97 -22.35 -13.22
N GLY A 220 -17.01 -23.52 -12.60
CA GLY A 220 -18.27 -24.19 -12.39
C GLY A 220 -18.72 -25.01 -13.58
N VAL A 221 -19.99 -25.43 -13.51
CA VAL A 221 -20.53 -26.37 -14.50
C VAL A 221 -21.18 -25.63 -15.65
N GLY A 222 -21.43 -26.36 -16.73
CA GLY A 222 -22.07 -25.81 -17.90
C GLY A 222 -21.21 -25.85 -19.14
N ALA A 223 -21.86 -25.89 -20.29
CA ALA A 223 -21.15 -25.79 -21.56
C ALA A 223 -20.44 -24.46 -21.67
N THR A 224 -19.29 -24.46 -22.34
CA THR A 224 -18.49 -23.25 -22.42
C THR A 224 -17.57 -23.32 -23.63
N GLN A 225 -17.14 -22.15 -24.12
CA GLN A 225 -16.07 -22.15 -25.10
C GLN A 225 -14.72 -21.86 -24.45
N ALA A 226 -14.67 -21.72 -23.12
CA ALA A 226 -13.39 -21.61 -22.45
C ALA A 226 -12.55 -22.85 -22.70
N ALA A 227 -11.23 -22.66 -22.77
CA ALA A 227 -10.35 -23.79 -23.02
C ALA A 227 -10.06 -24.58 -21.75
N TRP A 228 -10.22 -23.97 -20.59
CA TRP A 228 -9.88 -24.56 -19.30
C TRP A 228 -11.01 -24.37 -18.31
N ARG A 229 -11.04 -25.20 -17.27
CA ARG A 229 -12.14 -25.15 -16.33
C ARG A 229 -11.64 -25.33 -14.90
N LEU A 230 -12.17 -24.50 -14.00
CA LEU A 230 -12.03 -24.68 -12.56
C LEU A 230 -13.39 -25.04 -11.99
N GLU A 231 -13.38 -25.90 -10.96
CA GLU A 231 -14.63 -26.50 -10.50
C GLU A 231 -15.50 -25.56 -9.68
N SER A 232 -14.90 -24.66 -8.91
CA SER A 232 -15.65 -23.83 -7.97
C SER A 232 -14.82 -22.61 -7.62
N VAL A 233 -15.45 -21.67 -6.89
CA VAL A 233 -14.75 -20.46 -6.47
C VAL A 233 -13.54 -20.80 -5.61
N PRO A 234 -13.61 -21.69 -4.62
CA PRO A 234 -12.39 -22.03 -3.86
C PRO A 234 -11.28 -22.60 -4.74
N ASP A 235 -11.61 -23.18 -5.89
CA ASP A 235 -10.55 -23.63 -6.80
C ASP A 235 -9.87 -22.44 -7.48
N VAL A 236 -10.61 -21.36 -7.75
CA VAL A 236 -10.00 -20.12 -8.21
C VAL A 236 -9.07 -19.58 -7.13
N TRP A 237 -9.54 -19.56 -5.89
CA TRP A 237 -8.73 -19.08 -4.78
C TRP A 237 -7.43 -19.87 -4.67
N ARG A 238 -7.52 -21.21 -4.73
CA ARG A 238 -6.30 -22.00 -4.64
C ARG A 238 -5.38 -21.76 -5.83
N TRP A 239 -5.95 -21.59 -7.03
CA TRP A 239 -5.14 -21.30 -8.21
C TRP A 239 -4.42 -19.96 -8.04
N LEU A 240 -5.13 -18.94 -7.57
CA LEU A 240 -4.52 -17.64 -7.33
C LEU A 240 -3.42 -17.72 -6.27
N GLU A 241 -3.64 -18.51 -5.23
CA GLU A 241 -2.61 -18.64 -4.20
C GLU A 241 -1.37 -19.33 -4.76
N GLN A 242 -1.56 -20.32 -5.64
CA GLN A 242 -0.42 -21.05 -6.20
C GLN A 242 0.39 -20.18 -7.17
N ILE A 243 -0.23 -19.20 -7.82
CA ILE A 243 0.52 -18.25 -8.62
C ILE A 243 1.43 -17.42 -7.72
N ASN A 244 0.87 -16.90 -6.63
CA ASN A 244 1.62 -16.03 -5.74
C ASN A 244 2.69 -16.80 -4.96
N TYR A 245 2.33 -17.98 -4.46
CA TYR A 245 3.22 -18.79 -3.62
C TYR A 245 3.20 -20.23 -4.09
N PRO A 246 3.97 -20.58 -5.14
CA PRO A 246 4.05 -21.94 -5.68
C PRO A 246 4.74 -22.95 -4.76
N MET B 1 18.35 29.31 25.35
CA MET B 1 18.38 29.11 26.80
C MET B 1 19.25 27.92 27.20
N ALA B 2 19.60 27.08 26.23
CA ALA B 2 20.48 25.95 26.53
C ALA B 2 21.85 26.46 26.98
N GLU B 3 22.38 25.84 28.01
CA GLU B 3 23.64 26.31 28.55
C GLU B 3 24.80 25.51 27.95
N PRO B 4 25.94 26.14 27.75
CA PRO B 4 27.09 25.42 27.18
C PRO B 4 27.50 24.26 28.07
N LEU B 5 27.58 23.08 27.47
CA LEU B 5 28.02 21.88 28.18
C LEU B 5 29.54 21.86 28.23
N THR B 6 30.10 21.85 29.45
CA THR B 6 31.55 21.82 29.62
C THR B 6 32.03 20.69 30.51
N VAL B 7 31.18 20.11 31.36
CA VAL B 7 31.57 19.04 32.26
C VAL B 7 31.28 17.69 31.60
N SER B 8 32.18 16.74 31.81
CA SER B 8 31.98 15.39 31.29
C SER B 8 31.56 14.44 32.40
N PRO B 9 30.58 13.58 32.13
CA PRO B 9 30.19 12.56 33.12
C PRO B 9 31.36 11.66 33.46
N GLU B 10 31.34 11.16 34.69
CA GLU B 10 32.34 10.19 35.10
C GLU B 10 32.16 8.88 34.35
N LEU B 11 33.28 8.23 34.05
CA LEU B 11 33.26 7.04 33.19
C LEU B 11 32.39 5.94 33.77
N THR B 12 32.46 5.72 35.08
CA THR B 12 31.71 4.62 35.69
C THR B 12 30.57 5.15 36.56
N ALA B 13 29.77 6.05 36.01
CA ALA B 13 28.60 6.56 36.72
C ALA B 13 27.36 5.73 36.36
N ASN B 14 26.22 6.13 36.90
CA ASN B 14 24.97 5.41 36.70
C ASN B 14 24.16 6.02 35.57
N TYR B 15 24.80 6.28 34.42
CA TYR B 15 24.16 6.89 33.28
C TYR B 15 23.83 5.84 32.22
N ALA B 16 22.74 6.08 31.49
CA ALA B 16 22.40 5.35 30.28
C ALA B 16 22.50 6.32 29.11
N TYR B 17 23.26 5.94 28.09
CA TYR B 17 23.62 6.86 27.02
C TYR B 17 22.81 6.58 25.75
N PHE B 18 22.35 7.67 25.13
CA PHE B 18 21.66 7.60 23.85
C PHE B 18 22.27 8.65 22.93
N PHE B 19 22.72 8.21 21.76
CA PHE B 19 23.36 9.10 20.81
C PHE B 19 22.63 9.07 19.47
N ASP B 20 22.23 10.25 19.01
CA ASP B 20 21.90 10.41 17.61
C ASP B 20 23.17 10.21 16.79
N LEU B 21 23.00 9.93 15.51
CA LEU B 21 24.16 9.70 14.65
C LEU B 21 24.46 10.92 13.79
N ASP B 22 23.63 11.18 12.78
CA ASP B 22 23.87 12.27 11.86
C ASP B 22 23.85 13.61 12.57
N GLY B 23 24.93 14.38 12.42
CA GLY B 23 25.02 15.67 13.05
C GLY B 23 25.39 15.63 14.52
N THR B 24 25.65 14.45 15.08
CA THR B 24 26.01 14.29 16.47
C THR B 24 27.31 13.52 16.60
N LEU B 25 27.33 12.28 16.11
CA LEU B 25 28.54 11.47 16.09
C LEU B 25 29.26 11.52 14.75
N ALA B 26 28.56 11.93 13.71
CA ALA B 26 29.14 12.04 12.35
C ALA B 26 28.92 13.46 11.82
N GLU B 27 29.88 14.01 11.08
CA GLU B 27 29.75 15.39 10.55
C GLU B 27 28.89 15.37 9.27
N ILE B 28 27.87 16.21 9.19
CA ILE B 28 27.00 16.27 8.02
C ILE B 28 27.85 16.46 6.78
N LYS B 29 27.49 15.77 5.71
CA LYS B 29 28.23 15.80 4.46
C LYS B 29 27.30 16.16 3.31
N PRO B 30 27.86 16.58 2.17
CA PRO B 30 27.02 17.03 1.05
C PRO B 30 25.99 16.03 0.57
N HIS B 31 26.14 14.74 0.85
CA HIS B 31 25.16 13.80 0.32
C HIS B 31 24.72 12.84 1.41
N PRO B 32 23.43 12.48 1.44
CA PRO B 32 22.93 11.62 2.53
C PRO B 32 23.59 10.25 2.63
N ASP B 33 24.02 9.66 1.51
CA ASP B 33 24.58 8.31 1.57
C ASP B 33 25.98 8.26 2.18
N GLN B 34 26.70 9.38 2.23
CA GLN B 34 28.04 9.42 2.82
C GLN B 34 27.97 9.90 4.27
N VAL B 35 28.32 9.01 5.20
CA VAL B 35 28.36 9.32 6.62
C VAL B 35 29.43 8.45 7.26
N VAL B 36 30.25 9.03 8.13
CA VAL B 36 31.33 8.30 8.78
C VAL B 36 31.40 8.67 10.25
N VAL B 37 31.43 7.67 11.11
CA VAL B 37 31.83 7.82 12.51
C VAL B 37 33.27 7.33 12.61
N PRO B 38 34.23 8.20 12.95
CA PRO B 38 35.63 7.75 13.01
C PRO B 38 35.80 6.58 13.96
N HIS B 39 36.69 5.65 13.57
CA HIS B 39 36.89 4.43 14.35
C HIS B 39 37.28 4.74 15.79
N LYS B 40 38.07 5.80 16.01
CA LYS B 40 38.42 6.18 17.37
C LYS B 40 37.19 6.58 18.16
N ILE B 41 36.24 7.26 17.50
CA ILE B 41 35.00 7.62 18.19
C ILE B 41 34.19 6.38 18.52
N LEU B 42 34.14 5.42 17.59
CA LEU B 42 33.44 4.16 17.85
C LEU B 42 34.09 3.41 19.01
N GLN B 43 35.42 3.43 19.08
CA GLN B 43 36.10 2.80 20.21
C GLN B 43 35.74 3.48 21.52
N LEU B 44 35.64 4.81 21.50
CA LEU B 44 35.25 5.54 22.72
C LEU B 44 33.83 5.18 23.13
N LEU B 45 32.92 5.05 22.16
CA LEU B 45 31.55 4.64 22.49
C LEU B 45 31.52 3.22 23.04
N ASP B 46 32.29 2.31 22.43
CA ASP B 46 32.32 0.93 22.91
C ASP B 46 32.89 0.85 24.31
N ARG B 47 33.93 1.64 24.59
CA ARG B 47 34.51 1.65 25.92
C ARG B 47 33.56 2.27 26.94
N LEU B 48 32.84 3.32 26.54
CA LEU B 48 31.85 3.93 27.42
C LEU B 48 30.73 2.95 27.72
N ALA B 49 30.24 2.25 26.70
CA ALA B 49 29.21 1.25 26.91
C ALA B 49 29.70 0.13 27.82
N ALA B 50 30.95 -0.30 27.63
CA ALA B 50 31.48 -1.40 28.43
C ALA B 50 31.56 -1.03 29.91
N HIS B 51 31.80 0.23 30.21
CA HIS B 51 31.89 0.69 31.59
C HIS B 51 30.55 1.07 32.19
N ASN B 52 29.46 0.92 31.43
CA ASN B 52 28.11 1.24 31.91
C ASN B 52 27.15 0.10 31.60
N ALA B 53 27.60 -1.13 31.84
CA ALA B 53 26.80 -2.35 31.69
C ALA B 53 26.24 -2.52 30.29
N GLY B 54 26.83 -1.87 29.28
CA GLY B 54 26.32 -1.94 27.94
C GLY B 54 25.15 -1.03 27.65
N ALA B 55 24.85 -0.09 28.54
CA ALA B 55 23.70 0.80 28.40
C ALA B 55 24.08 2.01 27.53
N LEU B 56 24.25 1.72 26.24
CA LEU B 56 24.49 2.77 25.25
C LEU B 56 23.82 2.33 23.96
N ALA B 57 22.97 3.19 23.41
CA ALA B 57 22.24 2.88 22.19
C ALA B 57 22.36 4.04 21.22
N LEU B 58 22.33 3.70 19.93
CA LEU B 58 22.25 4.69 18.87
C LEU B 58 20.79 4.89 18.49
N ILE B 59 20.36 6.15 18.46
CA ILE B 59 18.97 6.51 18.20
C ILE B 59 18.99 7.41 16.97
N SER B 60 18.62 6.86 15.81
CA SER B 60 18.83 7.55 14.55
C SER B 60 17.62 7.42 13.65
N GLY B 61 17.52 8.32 12.69
CA GLY B 61 16.54 8.17 11.64
C GLY B 61 16.92 7.18 10.57
N ARG B 62 18.19 6.78 10.52
CA ARG B 62 18.64 5.81 9.53
C ARG B 62 18.10 4.42 9.86
N SER B 63 18.13 3.54 8.86
CA SER B 63 17.78 2.16 9.09
C SER B 63 18.85 1.46 9.92
N MET B 64 18.44 0.37 10.58
CA MET B 64 19.38 -0.37 11.42
C MET B 64 20.46 -1.05 10.60
N THR B 65 20.14 -1.49 9.37
CA THR B 65 21.17 -2.07 8.51
C THR B 65 22.30 -1.08 8.23
N GLU B 66 21.95 0.20 8.01
CA GLU B 66 22.98 1.21 7.81
C GLU B 66 23.72 1.52 9.11
N LEU B 67 23.00 1.52 10.24
CA LEU B 67 23.65 1.79 11.52
C LEU B 67 24.66 0.71 11.87
N ASP B 68 24.33 -0.56 11.63
CA ASP B 68 25.27 -1.63 11.89
C ASP B 68 26.51 -1.51 11.00
N ALA B 69 26.32 -1.08 9.75
CA ALA B 69 27.45 -0.87 8.86
C ALA B 69 28.28 0.33 9.29
N LEU B 70 27.63 1.39 9.77
CA LEU B 70 28.36 2.55 10.23
C LEU B 70 29.14 2.27 11.50
N ALA B 71 28.65 1.37 12.34
CA ALA B 71 29.26 1.10 13.63
C ALA B 71 30.27 -0.05 13.61
N LYS B 72 30.44 -0.70 12.46
CA LYS B 72 31.38 -1.81 12.38
C LYS B 72 32.77 -1.36 12.83
N PRO B 73 33.50 -2.20 13.56
CA PRO B 73 33.14 -3.59 13.89
C PRO B 73 32.33 -3.75 15.17
N PHE B 74 31.79 -2.65 15.69
CA PHE B 74 31.09 -2.67 16.97
C PHE B 74 29.59 -2.85 16.75
N ARG B 75 28.94 -3.47 17.73
CA ARG B 75 27.51 -3.77 17.67
C ARG B 75 26.82 -3.18 18.89
N PHE B 76 25.95 -2.20 18.67
CA PHE B 76 25.20 -1.57 19.75
C PHE B 76 23.71 -1.89 19.63
N PRO B 77 22.97 -1.82 20.74
CA PRO B 77 21.51 -1.71 20.64
C PRO B 77 21.13 -0.46 19.87
N LEU B 78 20.06 -0.55 19.10
CA LEU B 78 19.75 0.49 18.13
C LEU B 78 18.27 0.85 18.15
N ALA B 79 18.01 2.10 17.80
CA ALA B 79 16.68 2.54 17.39
C ALA B 79 16.84 3.20 16.03
N GLY B 80 16.29 2.56 15.00
CA GLY B 80 16.36 3.08 13.66
C GLY B 80 15.05 3.68 13.19
N VAL B 81 15.10 4.51 12.16
CA VAL B 81 13.93 5.15 11.56
C VAL B 81 13.11 5.84 12.65
N HIS B 82 13.80 6.63 13.48
CA HIS B 82 13.17 7.43 14.53
C HIS B 82 12.43 6.57 15.56
N GLY B 83 12.75 5.27 15.64
CA GLY B 83 12.11 4.37 16.57
C GLY B 83 11.21 3.34 15.93
N ALA B 84 10.93 3.45 14.63
CA ALA B 84 10.13 2.45 13.94
C ALA B 84 10.87 1.12 13.80
N GLU B 85 12.20 1.14 13.93
CA GLU B 85 13.00 -0.06 14.09
C GLU B 85 13.75 0.05 15.42
N ARG B 86 13.80 -1.05 16.15
CA ARG B 86 14.53 -1.05 17.41
C ARG B 86 15.09 -2.44 17.67
N ARG B 87 16.28 -2.49 18.28
CA ARG B 87 16.94 -3.73 18.62
C ARG B 87 17.49 -3.63 20.03
N ASP B 88 17.09 -4.55 20.91
CA ASP B 88 17.47 -4.48 22.32
C ASP B 88 18.86 -5.09 22.51
N ILE B 89 19.29 -5.20 23.77
CA ILE B 89 20.63 -5.67 24.06
C ILE B 89 20.81 -7.13 23.64
N ASN B 90 19.73 -7.92 23.62
CA ASN B 90 19.78 -9.31 23.23
C ASN B 90 19.56 -9.51 21.73
N GLY B 91 19.51 -8.44 20.95
CA GLY B 91 19.28 -8.55 19.52
C GLY B 91 17.84 -8.67 19.08
N LYS B 92 16.89 -8.69 20.02
CA LYS B 92 15.48 -8.77 19.66
C LYS B 92 15.07 -7.50 18.91
N THR B 93 14.43 -7.66 17.76
CA THR B 93 14.06 -6.53 16.93
C THR B 93 12.56 -6.26 17.00
N HIS B 94 12.20 -4.98 16.94
CA HIS B 94 10.81 -4.53 16.90
C HIS B 94 10.67 -3.64 15.68
N ILE B 95 9.87 -4.07 14.71
CA ILE B 95 9.77 -3.41 13.42
C ILE B 95 8.32 -2.99 13.21
N VAL B 96 8.10 -1.69 12.98
CA VAL B 96 6.78 -1.24 12.56
C VAL B 96 6.59 -1.61 11.10
N ARG B 97 5.44 -2.21 10.80
CA ARG B 97 5.16 -2.72 9.46
C ARG B 97 3.97 -1.97 8.88
N LEU B 98 4.11 -1.50 7.66
CA LEU B 98 3.02 -0.90 6.89
C LEU B 98 2.44 -1.91 5.91
N PRO B 99 1.17 -1.76 5.53
CA PRO B 99 0.61 -2.63 4.49
C PRO B 99 1.41 -2.51 3.21
N GLU B 100 1.56 -3.64 2.51
CA GLU B 100 2.40 -3.66 1.31
C GLU B 100 1.84 -2.77 0.21
N ALA B 101 0.51 -2.73 0.05
CA ALA B 101 -0.07 -1.87 -0.97
C ALA B 101 0.18 -0.40 -0.67
N VAL B 102 0.22 -0.03 0.62
CA VAL B 102 0.52 1.35 0.98
C VAL B 102 1.98 1.66 0.67
N VAL B 103 2.90 0.76 1.05
CA VAL B 103 4.31 0.99 0.79
C VAL B 103 4.56 1.14 -0.70
N ARG B 104 3.96 0.25 -1.50
CA ARG B 104 4.15 0.32 -2.94
C ARG B 104 3.61 1.62 -3.50
N GLU B 105 2.38 1.98 -3.13
CA GLU B 105 1.72 3.13 -3.74
C GLU B 105 2.45 4.43 -3.37
N VAL B 106 2.76 4.62 -2.09
CA VAL B 106 3.42 5.84 -1.65
C VAL B 106 4.80 5.97 -2.27
N GLU B 107 5.55 4.87 -2.32
CA GLU B 107 6.89 4.92 -2.88
C GLU B 107 6.84 5.29 -4.35
N ALA B 108 5.93 4.66 -5.11
CA ALA B 108 5.81 4.97 -6.53
C ALA B 108 5.38 6.42 -6.76
N LEU B 109 4.51 6.93 -5.89
CA LEU B 109 4.07 8.32 -6.01
C LEU B 109 5.21 9.29 -5.75
N LEU B 110 5.94 9.08 -4.65
CA LEU B 110 7.02 10.01 -4.32
C LEU B 110 8.14 9.95 -5.35
N ARG B 111 8.53 8.76 -5.79
CA ARG B 111 9.64 8.65 -6.73
C ARG B 111 9.31 9.30 -8.06
N SER B 112 8.11 9.04 -8.59
CA SER B 112 7.73 9.66 -9.85
C SER B 112 7.63 11.18 -9.71
N THR B 113 7.08 11.66 -8.59
CA THR B 113 6.91 13.10 -8.42
C THR B 113 8.27 13.79 -8.37
N LEU B 114 9.25 13.18 -7.71
CA LEU B 114 10.54 13.84 -7.52
C LEU B 114 11.35 13.89 -8.81
N VAL B 115 10.93 13.15 -9.85
CA VAL B 115 11.58 13.30 -11.15
C VAL B 115 11.37 14.73 -11.63
N ALA B 116 10.25 15.35 -11.28
CA ALA B 116 9.96 16.72 -11.67
C ALA B 116 10.64 17.73 -10.74
N LEU B 117 11.33 17.28 -9.70
CA LEU B 117 12.04 18.16 -8.77
C LEU B 117 13.52 17.77 -8.85
N PRO B 118 14.26 18.30 -9.82
CA PRO B 118 15.67 17.92 -9.95
C PRO B 118 16.48 18.34 -8.73
N GLY B 119 17.45 17.50 -8.37
CA GLY B 119 18.27 17.71 -7.20
C GLY B 119 17.75 17.05 -5.94
N THR B 120 16.49 16.64 -5.91
CA THR B 120 15.92 15.97 -4.77
C THR B 120 16.10 14.46 -4.91
N GLU B 121 16.13 13.77 -3.78
CA GLU B 121 16.39 12.32 -3.76
C GLU B 121 15.45 11.63 -2.79
N LEU B 122 14.86 10.53 -3.24
CA LEU B 122 13.99 9.71 -2.40
C LEU B 122 14.80 8.54 -1.84
N GLU B 123 14.78 8.39 -0.52
CA GLU B 123 15.38 7.27 0.18
C GLU B 123 14.25 6.46 0.81
N SER B 124 14.16 5.18 0.44
CA SER B 124 13.14 4.28 0.98
C SER B 124 13.73 3.45 2.11
N LYS B 125 13.05 3.45 3.25
CA LYS B 125 13.54 2.76 4.44
C LYS B 125 12.65 1.60 4.88
N GLY B 126 11.77 1.12 4.00
CA GLY B 126 10.92 -0.01 4.33
C GLY B 126 9.58 0.37 4.95
N MET B 127 9.61 1.14 6.04
CA MET B 127 8.38 1.67 6.62
C MET B 127 8.38 3.19 6.67
N ALA B 128 9.33 3.84 5.99
CA ALA B 128 9.39 5.28 5.98
C ALA B 128 10.04 5.74 4.69
N PHE B 129 9.85 7.03 4.38
CA PHE B 129 10.37 7.61 3.16
C PHE B 129 10.99 8.96 3.47
N ALA B 130 12.22 9.17 3.03
CA ALA B 130 12.94 10.42 3.27
C ALA B 130 13.09 11.17 1.96
N LEU B 131 12.65 12.42 1.95
CA LEU B 131 12.73 13.28 0.77
C LEU B 131 13.87 14.27 1.04
N HIS B 132 15.03 13.99 0.45
CA HIS B 132 16.22 14.81 0.65
C HIS B 132 16.25 15.94 -0.37
N TYR B 133 16.73 17.11 0.07
CA TYR B 133 16.84 18.24 -0.84
C TYR B 133 18.07 19.09 -0.56
N ARG B 134 19.12 18.48 0.02
CA ARG B 134 20.32 19.24 0.29
C ARG B 134 20.95 19.78 -0.99
N GLN B 135 20.79 19.05 -2.10
CA GLN B 135 21.30 19.48 -3.39
C GLN B 135 20.32 20.39 -4.13
N ALA B 136 19.11 20.60 -3.60
CA ALA B 136 18.11 21.45 -4.25
C ALA B 136 17.20 22.07 -3.21
N PRO B 137 17.71 23.03 -2.43
CA PRO B 137 16.88 23.66 -1.40
C PRO B 137 15.69 24.43 -1.94
N GLU B 138 15.69 24.76 -3.24
CA GLU B 138 14.55 25.47 -3.81
C GLU B 138 13.28 24.62 -3.82
N HIS B 139 13.40 23.30 -3.73
CA HIS B 139 12.26 22.41 -3.74
C HIS B 139 11.76 22.03 -2.34
N GLU B 140 12.19 22.75 -1.31
CA GLU B 140 11.80 22.41 0.05
C GLU B 140 10.28 22.53 0.24
N ALA B 141 9.71 23.66 -0.18
CA ALA B 141 8.28 23.87 -0.01
C ALA B 141 7.47 22.84 -0.80
N ALA B 142 7.97 22.44 -1.97
CA ALA B 142 7.26 21.44 -2.77
C ALA B 142 7.26 20.09 -2.07
N LEU B 143 8.40 19.70 -1.48
CA LEU B 143 8.46 18.42 -0.78
C LEU B 143 7.63 18.44 0.50
N LEU B 144 7.65 19.57 1.21
CA LEU B 144 6.83 19.69 2.42
C LEU B 144 5.35 19.55 2.06
N ALA B 145 4.92 20.22 0.99
CA ALA B 145 3.53 20.09 0.57
C ALA B 145 3.21 18.68 0.11
N LEU B 146 4.15 18.05 -0.60
CA LEU B 146 3.96 16.67 -1.06
C LEU B 146 3.80 15.71 0.11
N ALA B 147 4.68 15.83 1.11
CA ALA B 147 4.59 14.96 2.27
C ALA B 147 3.30 15.22 3.05
N GLN B 148 2.88 16.48 3.14
CA GLN B 148 1.62 16.79 3.82
C GLN B 148 0.44 16.16 3.11
N HIS B 149 0.40 16.25 1.78
CA HIS B 149 -0.68 15.61 1.03
C HIS B 149 -0.68 14.10 1.24
N VAL B 150 0.51 13.48 1.28
CA VAL B 150 0.58 12.04 1.48
C VAL B 150 0.03 11.65 2.84
N THR B 151 0.39 12.40 3.88
CA THR B 151 -0.11 12.07 5.22
C THR B 151 -1.57 12.42 5.38
N GLN B 152 -2.13 13.28 4.53
CA GLN B 152 -3.56 13.51 4.58
C GLN B 152 -4.36 12.37 3.97
N HIS B 153 -3.80 11.70 2.96
CA HIS B 153 -4.53 10.59 2.34
C HIS B 153 -4.31 9.28 3.09
N TRP B 154 -3.10 9.06 3.61
CA TRP B 154 -2.80 7.85 4.37
C TRP B 154 -2.70 8.21 5.85
N PRO B 155 -3.71 7.89 6.66
CA PRO B 155 -3.67 8.24 8.08
C PRO B 155 -2.60 7.51 8.88
N GLN B 156 -2.01 6.45 8.34
CA GLN B 156 -0.99 5.70 9.06
C GLN B 156 0.36 6.41 9.07
N LEU B 157 0.51 7.47 8.29
CA LEU B 157 1.81 8.13 8.10
C LEU B 157 1.79 9.52 8.70
N ALA B 158 2.96 9.93 9.21
CA ALA B 158 3.12 11.22 9.86
C ALA B 158 4.35 11.92 9.32
N LEU B 159 4.39 13.24 9.50
CA LEU B 159 5.47 14.08 9.03
C LEU B 159 6.62 14.12 10.04
N GLN B 160 7.84 14.17 9.53
CA GLN B 160 9.04 14.35 10.37
C GLN B 160 10.00 15.24 9.58
N LEU B 161 9.91 16.55 9.81
CA LEU B 161 10.83 17.49 9.20
C LEU B 161 12.23 17.31 9.78
N GLY B 162 13.25 17.61 8.98
CA GLY B 162 14.62 17.55 9.43
C GLY B 162 15.49 18.47 8.60
N LYS B 163 16.79 18.43 8.90
CA LYS B 163 17.76 19.25 8.18
C LYS B 163 17.88 18.73 6.75
N CYS B 164 17.45 19.56 5.79
CA CYS B 164 17.53 19.25 4.36
C CYS B 164 16.77 17.98 3.99
N VAL B 165 15.77 17.61 4.77
CA VAL B 165 14.99 16.41 4.49
C VAL B 165 13.59 16.59 5.05
N VAL B 166 12.60 16.05 4.33
CA VAL B 166 11.23 15.94 4.82
C VAL B 166 10.90 14.46 4.78
N GLU B 167 10.62 13.89 5.95
CA GLU B 167 10.53 12.45 6.09
C GLU B 167 9.09 12.05 6.41
N ILE B 168 8.68 10.91 5.86
CA ILE B 168 7.35 10.35 6.08
C ILE B 168 7.55 9.07 6.87
N LYS B 169 6.97 9.01 8.06
CA LYS B 169 7.21 7.94 9.02
C LYS B 169 5.89 7.38 9.51
N PRO B 170 5.90 6.18 10.10
CA PRO B 170 4.68 5.66 10.70
C PRO B 170 4.20 6.58 11.81
N LYS B 171 2.88 6.78 11.86
CA LYS B 171 2.30 7.63 12.88
C LYS B 171 2.51 7.01 14.25
N GLY B 172 2.89 7.83 15.23
CA GLY B 172 3.19 7.36 16.57
C GLY B 172 4.65 7.01 16.80
N THR B 173 5.48 7.04 15.77
CA THR B 173 6.90 6.75 15.89
C THR B 173 7.68 8.02 16.19
N ASN B 174 8.49 7.98 17.25
CA ASN B 174 9.36 9.11 17.54
C ASN B 174 10.48 8.66 18.48
N LYS B 175 11.55 9.44 18.51
CA LYS B 175 12.74 9.06 19.29
C LYS B 175 12.49 9.09 20.78
N GLY B 176 11.50 9.85 21.25
CA GLY B 176 11.15 9.80 22.66
C GLY B 176 10.57 8.46 23.06
N GLU B 177 9.74 7.87 22.20
CA GLU B 177 9.20 6.54 22.48
C GLU B 177 10.30 5.49 22.45
N ALA B 178 11.28 5.64 21.56
CA ALA B 178 12.39 4.69 21.48
C ALA B 178 13.21 4.70 22.77
N ILE B 179 13.55 5.89 23.26
CA ILE B 179 14.28 5.99 24.51
C ILE B 179 13.46 5.43 25.66
N ALA B 180 12.15 5.71 25.67
CA ALA B 180 11.28 5.14 26.69
C ALA B 180 11.30 3.63 26.67
N ALA B 181 11.29 3.04 25.47
CA ALA B 181 11.29 1.58 25.35
C ALA B 181 12.56 0.97 25.90
N PHE B 182 13.71 1.61 25.66
CA PHE B 182 14.96 1.09 26.19
C PHE B 182 14.99 1.21 27.72
N MET B 183 14.51 2.32 28.26
CA MET B 183 14.62 2.59 29.68
C MET B 183 13.78 1.66 30.54
N GLN B 184 12.93 0.82 29.93
CA GLN B 184 12.21 -0.21 30.65
C GLN B 184 12.89 -1.58 30.56
N GLU B 185 14.00 -1.68 29.84
CA GLU B 185 14.71 -2.93 29.65
C GLU B 185 16.10 -2.84 30.26
N ALA B 186 16.62 -4.00 30.67
CA ALA B 186 18.02 -4.08 31.03
C ALA B 186 18.88 -3.90 29.78
N PRO B 187 20.06 -3.26 29.91
CA PRO B 187 20.64 -2.71 31.14
C PRO B 187 20.31 -1.22 31.36
N PHE B 188 19.43 -0.66 30.52
CA PHE B 188 19.17 0.78 30.61
C PHE B 188 18.33 1.11 31.84
N ALA B 189 17.41 0.23 32.22
CA ALA B 189 16.54 0.51 33.35
C ALA B 189 17.36 0.69 34.62
N GLY B 190 16.98 1.69 35.42
CA GLY B 190 17.66 2.01 36.65
C GLY B 190 18.77 3.03 36.52
N ARG B 191 19.13 3.44 35.31
CA ARG B 191 20.17 4.43 35.08
C ARG B 191 19.55 5.76 34.68
N ILE B 192 20.35 6.81 34.75
CA ILE B 192 19.93 8.16 34.42
C ILE B 192 20.18 8.38 32.93
N PRO B 193 19.15 8.69 32.12
CA PRO B 193 19.35 8.79 30.68
C PRO B 193 20.09 10.06 30.26
N VAL B 194 21.00 9.90 29.30
CA VAL B 194 21.68 11.00 28.65
C VAL B 194 21.46 10.85 27.15
N PHE B 195 21.00 11.94 26.52
CA PHE B 195 20.68 11.92 25.10
C PHE B 195 21.27 13.14 24.42
N VAL B 196 22.04 12.91 23.35
CA VAL B 196 22.68 13.95 22.57
C VAL B 196 22.14 13.87 21.14
N GLY B 197 21.64 14.99 20.62
CA GLY B 197 21.07 15.04 19.29
C GLY B 197 21.20 16.43 18.70
N ASP B 198 20.75 16.57 17.45
CA ASP B 198 20.95 17.84 16.74
C ASP B 198 19.76 18.32 15.91
N ASP B 199 18.70 17.54 15.73
CA ASP B 199 17.67 17.87 14.77
C ASP B 199 16.30 17.86 15.44
N LEU B 200 15.27 18.15 14.63
CA LEU B 200 13.91 18.24 15.15
C LEU B 200 13.42 16.90 15.70
N THR B 201 13.82 15.80 15.06
CA THR B 201 13.41 14.48 15.54
C THR B 201 13.97 14.22 16.94
N ASP B 202 15.11 14.83 17.27
CA ASP B 202 15.72 14.63 18.57
C ASP B 202 15.02 15.41 19.68
N GLU B 203 14.26 16.45 19.32
CA GLU B 203 13.54 17.23 20.33
C GLU B 203 12.55 16.36 21.12
N ALA B 204 11.94 15.37 20.48
CA ALA B 204 11.07 14.45 21.21
C ALA B 204 11.86 13.70 22.27
N GLY B 205 13.09 13.30 21.96
CA GLY B 205 13.92 12.64 22.95
C GLY B 205 14.35 13.58 24.06
N PHE B 206 14.72 14.83 23.72
CA PHE B 206 15.13 15.78 24.73
C PHE B 206 14.04 15.98 25.78
N GLY B 207 12.79 16.09 25.33
CA GLY B 207 11.69 16.31 26.27
C GLY B 207 11.50 15.14 27.22
N VAL B 208 11.58 13.92 26.69
CA VAL B 208 11.44 12.74 27.52
C VAL B 208 12.61 12.62 28.49
N VAL B 209 13.82 12.92 28.03
CA VAL B 209 14.99 12.85 28.89
C VAL B 209 14.95 13.94 29.96
N ASN B 210 14.53 15.15 29.59
CA ASN B 210 14.38 16.23 30.56
C ASN B 210 13.40 15.87 31.65
N HIS B 211 12.25 15.32 31.27
CA HIS B 211 11.25 14.96 32.28
C HIS B 211 11.76 13.88 33.22
N ALA B 212 12.64 13.00 32.74
CA ALA B 212 13.18 11.91 33.53
C ALA B 212 14.26 12.37 34.51
N GLY B 213 14.63 13.64 34.49
CA GLY B 213 15.75 14.11 35.29
C GLY B 213 17.11 13.79 34.71
N GLY B 214 17.19 13.56 33.40
CA GLY B 214 18.43 13.23 32.75
C GLY B 214 19.12 14.43 32.13
N ILE B 215 20.06 14.13 31.24
CA ILE B 215 20.92 15.14 30.62
C ILE B 215 20.64 15.14 29.12
N SER B 216 20.05 16.22 28.62
CA SER B 216 19.78 16.40 27.19
C SER B 216 20.78 17.40 26.63
N VAL B 217 21.38 17.08 25.49
CA VAL B 217 22.43 17.90 24.91
C VAL B 217 22.10 18.13 23.44
N LYS B 218 21.95 19.40 23.06
CA LYS B 218 21.75 19.80 21.68
C LYS B 218 23.09 20.12 21.02
N VAL B 219 23.28 19.64 19.80
CA VAL B 219 24.49 19.90 19.03
C VAL B 219 24.17 20.94 17.96
N GLY B 220 24.99 21.99 17.88
CA GLY B 220 24.82 23.00 16.85
C GLY B 220 23.80 24.04 17.23
N VAL B 221 23.45 24.88 16.25
CA VAL B 221 22.60 26.03 16.49
C VAL B 221 21.14 25.69 16.24
N GLY B 222 20.25 26.58 16.68
CA GLY B 222 18.84 26.38 16.52
C GLY B 222 18.12 26.31 17.85
N ALA B 223 16.85 26.70 17.87
CA ALA B 223 16.06 26.58 19.09
C ALA B 223 15.97 25.12 19.52
N THR B 224 15.92 24.91 20.84
CA THR B 224 15.90 23.57 21.39
C THR B 224 15.34 23.61 22.80
N GLN B 225 14.76 22.49 23.22
CA GLN B 225 14.39 22.30 24.61
C GLN B 225 15.43 21.51 25.40
N ALA B 226 16.53 21.13 24.76
CA ALA B 226 17.63 20.50 25.49
C ALA B 226 18.19 21.48 26.52
N ALA B 227 18.65 20.92 27.64
CA ALA B 227 19.18 21.76 28.71
C ALA B 227 20.61 22.21 28.46
N TRP B 228 21.37 21.47 27.66
CA TRP B 228 22.78 21.77 27.43
C TRP B 228 23.06 21.77 25.94
N ARG B 229 24.17 22.42 25.56
CA ARG B 229 24.49 22.58 24.15
C ARG B 229 25.98 22.38 23.91
N LEU B 230 26.30 21.64 22.87
CA LEU B 230 27.64 21.54 22.31
C LEU B 230 27.65 22.21 20.94
N GLU B 231 28.79 22.82 20.60
CA GLU B 231 28.82 23.69 19.43
C GLU B 231 28.82 22.90 18.12
N SER B 232 29.48 21.75 18.11
CA SER B 232 29.69 21.04 16.85
C SER B 232 29.96 19.56 17.13
N VAL B 233 30.03 18.79 16.05
CA VAL B 233 30.34 17.36 16.17
C VAL B 233 31.72 17.15 16.77
N PRO B 234 32.78 17.86 16.38
CA PRO B 234 34.08 17.66 17.06
C PRO B 234 34.03 17.97 18.55
N ASP B 235 33.10 18.80 19.00
CA ASP B 235 32.93 19.01 20.44
C ASP B 235 32.28 17.81 21.10
N VAL B 236 31.38 17.12 20.38
CA VAL B 236 30.86 15.85 20.90
C VAL B 236 31.99 14.84 21.04
N TRP B 237 32.87 14.78 20.03
CA TRP B 237 34.01 13.87 20.08
C TRP B 237 34.89 14.15 21.29
N ARG B 238 35.22 15.42 21.51
CA ARG B 238 36.05 15.77 22.66
C ARG B 238 35.34 15.46 23.97
N TRP B 239 34.02 15.65 24.00
CA TRP B 239 33.26 15.30 25.20
C TRP B 239 33.34 13.80 25.48
N LEU B 240 33.22 12.97 24.44
CA LEU B 240 33.36 11.53 24.62
C LEU B 240 34.74 11.15 25.12
N GLU B 241 35.78 11.80 24.59
CA GLU B 241 37.14 11.49 25.01
C GLU B 241 37.39 11.90 26.46
N GLN B 242 36.81 13.03 26.88
CA GLN B 242 37.01 13.47 28.26
C GLN B 242 36.28 12.57 29.25
N ILE B 243 35.17 11.95 28.83
CA ILE B 243 34.52 10.96 29.68
C ILE B 243 35.42 9.74 29.86
N ASN B 244 35.99 9.25 28.76
CA ASN B 244 36.79 8.03 28.81
C ASN B 244 38.14 8.28 29.48
N TYR B 245 38.80 9.39 29.15
CA TYR B 245 40.14 9.69 29.65
C TYR B 245 40.16 11.13 30.16
N PRO B 246 39.71 11.37 31.40
CA PRO B 246 39.72 12.71 32.00
C PRO B 246 41.14 13.20 32.29
#